data_1RPZ
#
_entry.id   1RPZ
#
_cell.length_a   80.565
_cell.length_b   92.633
_cell.length_c   122.665
_cell.angle_alpha   90.00
_cell.angle_beta   90.00
_cell.angle_gamma   90.00
#
_symmetry.space_group_name_H-M   'I 2 2 2'
#
loop_
_entity.id
_entity.type
_entity.pdbx_description
1 polymer "5'-D(*TP*GP*CP*AP*C)-3'"
2 polymer 'Polynucleotide kinase'
3 non-polymer 'CALCIUM ION'
4 non-polymer 'DIMETHYL SULFOXIDE'
5 non-polymer "ADENOSINE-5'-DIPHOSPHATE"
6 water water
#
loop_
_entity_poly.entity_id
_entity_poly.type
_entity_poly.pdbx_seq_one_letter_code
_entity_poly.pdbx_strand_id
1 'polydeoxyribonucleotide' (DT)(DG)(DC)(DA)(DC) B
2 'polypeptide(L)'
;(MSE)KKIILTIGCPGSGKSTWAREFIAKNPGFYNINRDDYRQSI(MSE)AHEERDEYKYTKKKEGIVTG(MSE)QFDTA
KSILYGGDSVKGVIISDTNLNPERRLAWETFAKEYGWKVEHKVFDVPWTELVKRNSKRGTKAVPIDVLRS(MSE)YKS
(MSE)REYLGLPVYNGTPGKPKAVIFDVDGTLAK(MSE)NGRGPYDLEKCDTDVINP(MSE)VVELSK(MSE)YAL
(MSE)GYQIVVVSGRESGTKEDPTKYYR(MSE)TRKWVEDIAGVPLV(MSE)QCQREQGDTRKDDVVKEEIFWKHIAPHF
DVKLAIDDRTQVVE(MSE)WRRIGVECWQVASGDF
;
A
#
loop_
_chem_comp.id
_chem_comp.type
_chem_comp.name
_chem_comp.formula
ADP non-polymer ADENOSINE-5'-DIPHOSPHATE 'C10 H15 N5 O10 P2'
CA non-polymer 'CALCIUM ION' 'Ca 2'
DA DNA linking 2'-DEOXYADENOSINE-5'-MONOPHOSPHATE 'C10 H14 N5 O6 P'
DC DNA linking 2'-DEOXYCYTIDINE-5'-MONOPHOSPHATE 'C9 H14 N3 O7 P'
DG DNA linking 2'-DEOXYGUANOSINE-5'-MONOPHOSPHATE 'C10 H14 N5 O7 P'
DMS non-polymer 'DIMETHYL SULFOXIDE' 'C2 H6 O S'
DT DNA linking THYMIDINE-5'-MONOPHOSPHATE 'C10 H15 N2 O8 P'
#
# COMPACT_ATOMS: atom_id res chain seq x y z
N MSE B 1 -10.65 -32.87 0.99
CA MSE B 1 -9.84 -32.69 2.23
C MSE B 1 -10.31 -31.42 2.94
O MSE B 1 -10.47 -30.36 2.31
CB MSE B 1 -8.36 -32.57 1.86
CG MSE B 1 -7.41 -32.98 2.96
SE MSE B 1 -5.56 -32.75 2.44
CE MSE B 1 -5.47 -34.09 1.03
N LYS B 2 -10.57 -31.52 4.25
CA LYS B 2 -11.01 -30.36 5.01
C LYS B 2 -10.01 -29.23 4.82
N LYS B 3 -10.50 -28.03 4.54
CA LYS B 3 -9.62 -26.90 4.29
C LYS B 3 -9.57 -25.80 5.35
N ILE B 4 -8.46 -25.07 5.36
CA ILE B 4 -8.21 -23.95 6.26
C ILE B 4 -7.91 -22.74 5.40
N ILE B 5 -8.94 -21.95 5.11
CA ILE B 5 -8.75 -20.74 4.29
C ILE B 5 -8.16 -19.61 5.12
N LEU B 6 -7.11 -19.00 4.61
CA LEU B 6 -6.50 -17.88 5.30
C LEU B 6 -6.87 -16.69 4.45
N THR B 7 -7.35 -15.63 5.07
CA THR B 7 -7.68 -14.44 4.29
C THR B 7 -6.44 -13.56 4.30
N ILE B 8 -6.04 -13.09 3.12
CA ILE B 8 -4.86 -12.24 3.05
C ILE B 8 -5.27 -10.83 2.62
N GLY B 9 -5.27 -9.91 3.59
CA GLY B 9 -5.66 -8.54 3.31
C GLY B 9 -5.31 -7.62 4.47
N CYS B 10 -5.27 -6.32 4.20
CA CYS B 10 -4.95 -5.35 5.24
C CYS B 10 -6.21 -5.00 6.01
N PRO B 11 -6.07 -4.33 7.17
CA PRO B 11 -7.24 -3.95 7.95
C PRO B 11 -8.26 -3.26 7.06
N GLY B 12 -9.53 -3.64 7.22
CA GLY B 12 -10.59 -3.05 6.43
C GLY B 12 -10.43 -3.30 4.95
N SER B 13 -10.13 -4.54 4.57
CA SER B 13 -9.95 -4.90 3.17
C SER B 13 -11.11 -5.72 2.65
N GLY B 14 -11.98 -6.18 3.54
CA GLY B 14 -13.12 -6.96 3.13
C GLY B 14 -13.18 -8.34 3.77
N LYS B 15 -12.02 -8.78 4.24
CA LYS B 15 -11.85 -10.08 4.88
C LYS B 15 -13.09 -10.56 5.61
N SER B 16 -13.40 -9.91 6.72
CA SER B 16 -14.56 -10.30 7.52
C SER B 16 -15.89 -10.30 6.80
N THR B 17 -16.16 -9.23 6.04
CA THR B 17 -17.40 -9.14 5.30
C THR B 17 -17.52 -10.34 4.36
N TRP B 18 -16.37 -10.78 3.85
CA TRP B 18 -16.37 -11.94 2.96
C TRP B 18 -16.69 -13.21 3.73
N ALA B 19 -15.93 -13.45 4.79
CA ALA B 19 -16.10 -14.67 5.59
C ALA B 19 -17.48 -14.82 6.18
N ARG B 20 -18.24 -13.74 6.30
CA ARG B 20 -19.57 -13.85 6.88
C ARG B 20 -20.57 -14.31 5.82
N GLU B 21 -20.50 -13.69 4.66
CA GLU B 21 -21.35 -13.99 3.51
C GLU B 21 -21.08 -15.41 3.04
N PHE B 22 -19.80 -15.76 3.05
CA PHE B 22 -19.37 -17.07 2.62
C PHE B 22 -19.92 -18.13 3.53
N ILE B 23 -19.60 -18.04 4.81
CA ILE B 23 -20.09 -18.99 5.79
C ILE B 23 -21.62 -19.02 5.74
N ALA B 24 -22.22 -17.86 5.47
CA ALA B 24 -23.66 -17.78 5.38
C ALA B 24 -24.22 -18.52 4.17
N LYS B 25 -23.36 -18.88 3.23
CA LYS B 25 -23.80 -19.59 2.03
C LYS B 25 -23.26 -21.01 1.96
N ASN B 26 -22.11 -21.23 2.60
CA ASN B 26 -21.47 -22.54 2.62
C ASN B 26 -21.55 -23.24 3.95
N PRO B 27 -22.49 -24.18 4.10
CA PRO B 27 -22.63 -24.92 5.35
C PRO B 27 -21.35 -25.69 5.65
N GLY B 28 -21.08 -25.92 6.94
CA GLY B 28 -19.89 -26.64 7.32
C GLY B 28 -18.66 -25.76 7.44
N PHE B 29 -18.86 -24.45 7.38
CA PHE B 29 -17.75 -23.53 7.52
C PHE B 29 -17.88 -22.65 8.75
N TYR B 30 -16.78 -22.53 9.50
CA TYR B 30 -16.74 -21.75 10.73
C TYR B 30 -15.58 -20.76 10.71
N ASN B 31 -15.76 -19.66 11.44
CA ASN B 31 -14.78 -18.59 11.51
C ASN B 31 -13.85 -18.59 12.73
N ILE B 32 -12.62 -18.16 12.53
CA ILE B 32 -11.65 -18.02 13.61
C ILE B 32 -10.98 -16.68 13.36
N ASN B 33 -10.94 -15.81 14.38
CA ASN B 33 -10.37 -14.46 14.20
C ASN B 33 -9.66 -13.97 15.49
N ARG B 34 -8.49 -13.35 15.35
CA ARG B 34 -7.73 -12.86 16.51
C ARG B 34 -8.37 -11.71 17.29
N ASP B 35 -8.75 -10.66 16.56
CA ASP B 35 -9.39 -9.50 17.17
C ASP B 35 -10.52 -9.92 18.10
N ASP B 36 -11.34 -10.86 17.65
CA ASP B 36 -12.45 -11.36 18.46
C ASP B 36 -11.93 -11.91 19.77
N TYR B 37 -10.99 -12.86 19.65
CA TYR B 37 -10.39 -13.47 20.82
C TYR B 37 -9.74 -12.39 21.71
N ARG B 38 -9.05 -11.45 21.07
CA ARG B 38 -8.39 -10.38 21.78
C ARG B 38 -9.40 -9.60 22.60
N GLN B 39 -10.52 -9.24 21.99
CA GLN B 39 -11.52 -8.48 22.72
C GLN B 39 -12.22 -9.28 23.80
N SER B 40 -12.46 -10.56 23.52
CA SER B 40 -13.15 -11.42 24.46
C SER B 40 -12.45 -11.70 25.79
N ILE B 41 -11.17 -12.06 25.73
CA ILE B 41 -10.44 -12.35 26.95
C ILE B 41 -10.27 -11.11 27.81
N MSE B 42 -10.47 -9.93 27.23
CA MSE B 42 -10.34 -8.71 28.00
C MSE B 42 -11.70 -8.19 28.41
O MSE B 42 -11.81 -7.23 29.16
CB MSE B 42 -9.62 -7.64 27.18
CG MSE B 42 -8.12 -7.89 27.03
SE MSE B 42 -7.18 -7.86 28.71
CE MSE B 42 -7.16 -9.76 29.11
N ALA B 43 -12.75 -8.86 27.92
CA ALA B 43 -14.12 -8.47 28.23
C ALA B 43 -14.43 -7.07 27.70
N HIS B 44 -13.57 -6.55 26.84
CA HIS B 44 -13.74 -5.22 26.26
C HIS B 44 -15.07 -4.93 25.55
N GLU B 45 -15.37 -3.64 25.44
CA GLU B 45 -16.57 -3.15 24.79
C GLU B 45 -16.10 -2.57 23.45
N GLU B 46 -17.03 -2.17 22.60
CA GLU B 46 -16.66 -1.61 21.30
C GLU B 46 -15.77 -0.37 21.39
N ARG B 47 -16.03 0.49 22.37
CA ARG B 47 -15.26 1.72 22.55
C ARG B 47 -13.95 1.56 23.34
N ASP B 48 -13.63 0.33 23.72
CA ASP B 48 -12.39 0.05 24.46
C ASP B 48 -11.29 -0.38 23.50
N GLU B 49 -10.08 0.06 23.77
CA GLU B 49 -8.93 -0.29 22.92
C GLU B 49 -7.98 -1.23 23.66
N TYR B 50 -7.86 -2.44 23.13
CA TYR B 50 -7.01 -3.51 23.64
C TYR B 50 -5.56 -3.07 23.68
N LYS B 51 -4.76 -3.65 24.57
CA LYS B 51 -3.35 -3.28 24.62
C LYS B 51 -2.43 -4.47 24.35
N TYR B 52 -1.70 -4.36 23.25
CA TYR B 52 -0.77 -5.41 22.84
C TYR B 52 0.10 -5.93 23.98
N THR B 53 0.19 -7.25 24.07
CA THR B 53 0.98 -7.93 25.08
C THR B 53 1.28 -9.31 24.59
N LYS B 54 2.56 -9.68 24.65
CA LYS B 54 2.98 -10.98 24.19
C LYS B 54 2.14 -12.03 24.89
N LYS B 55 2.07 -11.95 26.21
CA LYS B 55 1.29 -12.92 26.98
C LYS B 55 -0.12 -13.15 26.41
N LYS B 56 -0.79 -12.06 26.02
CA LYS B 56 -2.13 -12.20 25.46
C LYS B 56 -2.08 -12.76 24.05
N GLU B 57 -1.14 -12.28 23.24
CA GLU B 57 -1.01 -12.77 21.86
C GLU B 57 -0.80 -14.27 21.90
N GLY B 58 0.09 -14.70 22.80
CA GLY B 58 0.36 -16.12 22.96
C GLY B 58 -0.93 -16.88 23.24
N ILE B 59 -1.73 -16.35 24.15
CA ILE B 59 -3.01 -16.96 24.50
C ILE B 59 -3.92 -17.01 23.26
N VAL B 60 -4.03 -15.90 22.56
CA VAL B 60 -4.88 -15.85 21.39
C VAL B 60 -4.44 -16.90 20.36
N THR B 61 -3.17 -16.87 19.98
CA THR B 61 -2.62 -17.83 19.04
C THR B 61 -3.07 -19.20 19.50
N GLY B 62 -2.81 -19.46 20.78
CA GLY B 62 -3.19 -20.71 21.38
C GLY B 62 -4.64 -21.04 21.08
N MSE B 63 -5.52 -20.06 21.26
CA MSE B 63 -6.95 -20.26 21.01
C MSE B 63 -7.32 -20.62 19.59
O MSE B 63 -8.22 -21.43 19.35
CB MSE B 63 -7.72 -19.02 21.45
CG MSE B 63 -7.46 -18.65 22.89
SE MSE B 63 -8.65 -17.29 23.52
CE MSE B 63 -7.46 -15.79 23.38
N GLN B 64 -6.63 -20.03 18.61
CA GLN B 64 -6.92 -20.32 17.22
C GLN B 64 -6.66 -21.78 16.82
N PHE B 65 -5.40 -22.19 16.91
CA PHE B 65 -5.03 -23.53 16.54
C PHE B 65 -5.87 -24.57 17.25
N ASP B 66 -6.11 -24.37 18.54
CA ASP B 66 -6.91 -25.31 19.31
C ASP B 66 -8.32 -25.41 18.73
N THR B 67 -8.90 -24.25 18.39
CA THR B 67 -10.24 -24.21 17.82
C THR B 67 -10.23 -24.86 16.46
N ALA B 68 -9.15 -24.63 15.71
CA ALA B 68 -8.98 -25.24 14.40
C ALA B 68 -9.08 -26.75 14.62
N LYS B 69 -8.16 -27.27 15.44
CA LYS B 69 -8.18 -28.68 15.76
C LYS B 69 -9.59 -29.10 16.10
N SER B 70 -10.13 -28.57 17.19
CA SER B 70 -11.47 -28.95 17.63
C SER B 70 -12.53 -29.05 16.52
N ILE B 71 -12.83 -27.95 15.86
CA ILE B 71 -13.85 -27.95 14.80
C ILE B 71 -13.50 -28.88 13.64
N LEU B 72 -12.29 -28.77 13.12
CA LEU B 72 -11.89 -29.60 12.00
C LEU B 72 -11.92 -31.11 12.30
N TYR B 73 -11.96 -31.45 13.59
CA TYR B 73 -12.05 -32.85 13.99
C TYR B 73 -13.51 -33.16 14.23
N GLY B 74 -14.38 -32.46 13.50
CA GLY B 74 -15.80 -32.68 13.62
C GLY B 74 -16.24 -33.73 12.63
N GLY B 75 -17.53 -33.78 12.31
CA GLY B 75 -18.01 -34.77 11.38
C GLY B 75 -17.61 -34.52 9.94
N ASP B 76 -18.33 -35.15 9.02
CA ASP B 76 -18.07 -34.96 7.61
C ASP B 76 -18.88 -33.73 7.22
N SER B 77 -19.63 -33.22 8.19
CA SER B 77 -20.45 -32.03 8.00
C SER B 77 -19.53 -30.81 7.92
N VAL B 78 -18.46 -30.82 8.73
CA VAL B 78 -17.49 -29.74 8.76
C VAL B 78 -16.63 -29.78 7.50
N LYS B 79 -16.81 -28.78 6.64
CA LYS B 79 -16.07 -28.69 5.39
C LYS B 79 -14.75 -27.93 5.55
N GLY B 80 -14.65 -27.12 6.60
CA GLY B 80 -13.43 -26.36 6.81
C GLY B 80 -13.65 -25.11 7.65
N VAL B 81 -12.59 -24.32 7.78
CA VAL B 81 -12.65 -23.11 8.59
C VAL B 81 -11.91 -21.94 7.97
N ILE B 82 -12.29 -20.74 8.36
CA ILE B 82 -11.64 -19.54 7.85
C ILE B 82 -10.84 -18.85 8.97
N ILE B 83 -9.59 -18.57 8.69
CA ILE B 83 -8.74 -17.87 9.64
C ILE B 83 -8.74 -16.43 9.11
N SER B 84 -9.78 -15.69 9.44
CA SER B 84 -9.96 -14.33 8.95
C SER B 84 -9.10 -13.18 9.47
N ASP B 85 -7.80 -13.38 9.61
CA ASP B 85 -6.93 -12.30 10.08
C ASP B 85 -6.29 -11.57 8.89
N THR B 86 -5.21 -10.86 9.16
CA THR B 86 -4.51 -10.15 8.11
C THR B 86 -3.60 -11.17 7.42
N ASN B 87 -3.13 -12.11 8.23
CA ASN B 87 -2.23 -13.17 7.81
C ASN B 87 -1.10 -12.73 6.92
N LEU B 88 -0.61 -11.51 7.16
CA LEU B 88 0.48 -10.97 6.38
C LEU B 88 1.84 -11.28 7.01
N ASN B 89 1.85 -12.13 8.04
CA ASN B 89 3.11 -12.51 8.65
C ASN B 89 3.48 -13.87 8.06
N PRO B 90 4.52 -13.92 7.19
CA PRO B 90 4.97 -15.16 6.55
C PRO B 90 5.38 -16.23 7.55
N GLU B 91 6.07 -15.79 8.60
CA GLU B 91 6.53 -16.66 9.66
C GLU B 91 5.38 -17.54 10.15
N ARG B 92 4.23 -16.92 10.39
CA ARG B 92 3.05 -17.61 10.90
C ARG B 92 2.29 -18.33 9.81
N ARG B 93 2.14 -17.66 8.68
CA ARG B 93 1.44 -18.22 7.54
C ARG B 93 2.03 -19.61 7.26
N LEU B 94 3.35 -19.70 7.33
CA LEU B 94 4.03 -20.97 7.10
C LEU B 94 3.56 -21.95 8.17
N ALA B 95 3.60 -21.47 9.41
CA ALA B 95 3.19 -22.25 10.56
C ALA B 95 1.83 -22.94 10.39
N TRP B 96 0.86 -22.26 9.81
CA TRP B 96 -0.47 -22.86 9.60
C TRP B 96 -0.42 -24.03 8.63
N GLU B 97 0.37 -23.91 7.58
CA GLU B 97 0.50 -24.98 6.59
C GLU B 97 1.17 -26.19 7.25
N THR B 98 2.35 -26.00 7.81
CA THR B 98 3.07 -27.08 8.46
C THR B 98 2.21 -27.71 9.54
N PHE B 99 1.20 -26.97 9.99
CA PHE B 99 0.29 -27.48 11.00
C PHE B 99 -0.78 -28.29 10.28
N ALA B 100 -1.20 -27.76 9.13
CA ALA B 100 -2.23 -28.38 8.33
C ALA B 100 -1.82 -29.75 7.78
N LYS B 101 -0.58 -29.88 7.33
CA LYS B 101 -0.11 -31.15 6.78
C LYS B 101 -0.03 -32.22 7.86
N GLU B 102 0.45 -31.86 9.04
CA GLU B 102 0.58 -32.83 10.11
C GLU B 102 -0.75 -33.24 10.72
N TYR B 103 -1.83 -33.03 9.98
CA TYR B 103 -3.18 -33.40 10.44
C TYR B 103 -4.08 -33.80 9.26
N GLY B 104 -3.56 -33.69 8.05
CA GLY B 104 -4.32 -34.07 6.89
C GLY B 104 -5.24 -33.02 6.30
N TRP B 105 -4.90 -31.74 6.50
CA TRP B 105 -5.74 -30.70 5.96
C TRP B 105 -4.98 -29.83 4.96
N LYS B 106 -5.69 -29.29 3.99
CA LYS B 106 -5.07 -28.44 3.01
C LYS B 106 -5.26 -26.98 3.44
N VAL B 107 -4.53 -26.09 2.78
CA VAL B 107 -4.60 -24.67 3.11
C VAL B 107 -4.86 -23.83 1.86
N GLU B 108 -5.81 -22.91 1.94
CA GLU B 108 -6.12 -22.05 0.83
C GLU B 108 -5.98 -20.59 1.28
N HIS B 109 -5.78 -19.70 0.31
CA HIS B 109 -5.67 -18.28 0.57
C HIS B 109 -6.69 -17.51 -0.24
N LYS B 110 -7.39 -16.61 0.42
CA LYS B 110 -8.37 -15.78 -0.25
C LYS B 110 -7.77 -14.40 -0.07
N VAL B 111 -7.31 -13.80 -1.16
CA VAL B 111 -6.67 -12.52 -1.12
C VAL B 111 -7.59 -11.33 -1.32
N PHE B 112 -7.39 -10.28 -0.52
CA PHE B 112 -8.17 -9.07 -0.63
C PHE B 112 -7.25 -7.88 -0.86
N ASP B 113 -6.88 -7.70 -2.12
CA ASP B 113 -5.98 -6.62 -2.51
C ASP B 113 -6.76 -5.34 -2.81
N VAL B 114 -6.77 -4.44 -1.85
CA VAL B 114 -7.44 -3.16 -2.00
C VAL B 114 -6.35 -2.11 -2.04
N PRO B 115 -6.50 -1.11 -2.91
CA PRO B 115 -5.55 0.00 -3.10
C PRO B 115 -5.33 0.80 -1.82
N TRP B 116 -4.08 1.19 -1.58
CA TRP B 116 -3.76 1.96 -0.40
C TRP B 116 -4.68 3.14 -0.16
N THR B 117 -4.83 3.99 -1.19
CA THR B 117 -5.69 5.16 -1.10
C THR B 117 -7.06 4.76 -0.53
N GLU B 118 -7.59 3.64 -1.00
CA GLU B 118 -8.88 3.13 -0.55
C GLU B 118 -8.81 2.52 0.86
N LEU B 119 -7.64 2.03 1.25
CA LEU B 119 -7.49 1.45 2.58
C LEU B 119 -7.49 2.56 3.61
N VAL B 120 -6.83 3.67 3.27
CA VAL B 120 -6.81 4.80 4.19
C VAL B 120 -8.25 5.30 4.26
N LYS B 121 -8.80 5.57 3.09
CA LYS B 121 -10.17 6.05 2.98
C LYS B 121 -11.05 5.30 3.96
N ARG B 122 -10.96 3.98 3.98
CA ARG B 122 -11.79 3.19 4.87
C ARG B 122 -11.37 3.19 6.33
N ASN B 123 -10.07 3.00 6.57
CA ASN B 123 -9.59 2.94 7.94
C ASN B 123 -9.85 4.19 8.75
N SER B 124 -9.88 5.35 8.10
CA SER B 124 -10.13 6.58 8.83
C SER B 124 -11.58 6.66 9.31
N LYS B 125 -12.48 6.04 8.56
CA LYS B 125 -13.89 6.03 8.93
C LYS B 125 -14.22 4.82 9.80
N ARG B 126 -13.25 3.93 9.95
CA ARG B 126 -13.40 2.71 10.73
C ARG B 126 -13.71 2.94 12.21
N GLY B 127 -13.55 4.18 12.66
CA GLY B 127 -13.83 4.50 14.05
C GLY B 127 -12.95 3.84 15.09
N THR B 128 -13.56 3.13 16.02
CA THR B 128 -12.81 2.50 17.09
C THR B 128 -12.06 1.25 16.60
N LYS B 129 -12.49 0.69 15.47
CA LYS B 129 -11.83 -0.48 14.91
C LYS B 129 -10.71 -0.02 13.98
N ALA B 130 -10.50 1.29 13.91
CA ALA B 130 -9.46 1.83 13.05
C ALA B 130 -8.09 1.51 13.61
N VAL B 131 -7.07 1.66 12.76
CA VAL B 131 -5.71 1.33 13.15
C VAL B 131 -4.74 2.47 12.73
N PRO B 132 -3.69 2.72 13.54
CA PRO B 132 -2.69 3.77 13.26
C PRO B 132 -2.05 3.68 11.87
N ILE B 133 -1.78 4.83 11.25
CA ILE B 133 -1.22 4.80 9.91
C ILE B 133 0.06 3.99 9.75
N ASP B 134 0.95 4.03 10.73
CA ASP B 134 2.19 3.27 10.56
C ASP B 134 1.93 1.77 10.51
N VAL B 135 0.92 1.30 11.25
CA VAL B 135 0.63 -0.11 11.20
C VAL B 135 -0.04 -0.40 9.85
N LEU B 136 -0.97 0.46 9.46
CA LEU B 136 -1.64 0.31 8.17
C LEU B 136 -0.57 0.28 7.07
N ARG B 137 0.37 1.21 7.15
CA ARG B 137 1.47 1.33 6.19
C ARG B 137 2.36 0.07 6.22
N SER B 138 2.73 -0.30 7.43
CA SER B 138 3.56 -1.48 7.66
C SER B 138 2.87 -2.73 7.09
N MSE B 139 1.57 -2.81 7.33
CA MSE B 139 0.73 -3.91 6.85
C MSE B 139 0.75 -3.96 5.33
O MSE B 139 1.04 -5.00 4.74
CB MSE B 139 -0.71 -3.72 7.31
CG MSE B 139 -0.98 -4.09 8.75
SE MSE B 139 -1.13 -6.00 9.00
CE MSE B 139 -1.82 -5.99 10.81
N TYR B 140 0.41 -2.83 4.71
CA TYR B 140 0.39 -2.78 3.24
C TYR B 140 1.75 -3.17 2.67
N LYS B 141 2.80 -2.76 3.36
CA LYS B 141 4.15 -3.08 2.91
C LYS B 141 4.40 -4.60 2.92
N SER B 142 3.61 -5.32 3.71
CA SER B 142 3.76 -6.78 3.77
C SER B 142 2.85 -7.39 2.71
N MSE B 143 1.75 -6.71 2.43
CA MSE B 143 0.81 -7.18 1.42
C MSE B 143 1.50 -7.11 0.08
O MSE B 143 1.17 -7.87 -0.84
CB MSE B 143 -0.44 -6.31 1.41
CG MSE B 143 -1.36 -6.63 0.25
SE MSE B 143 -2.05 -8.44 0.27
CE MSE B 143 -3.94 -8.03 0.46
N ARG B 144 2.45 -6.19 -0.06
CA ARG B 144 3.18 -6.04 -1.30
C ARG B 144 4.27 -7.10 -1.42
N GLU B 145 4.93 -7.39 -0.30
CA GLU B 145 5.97 -8.40 -0.27
C GLU B 145 5.34 -9.75 -0.59
N TYR B 146 4.08 -9.92 -0.17
CA TYR B 146 3.33 -11.15 -0.43
C TYR B 146 3.03 -11.27 -1.93
N LEU B 147 2.43 -10.23 -2.49
CA LEU B 147 2.06 -10.20 -3.90
C LEU B 147 3.30 -10.28 -4.78
N GLY B 148 4.45 -10.01 -4.20
CA GLY B 148 5.70 -10.06 -4.95
C GLY B 148 5.92 -8.81 -5.78
N LEU B 149 5.28 -7.71 -5.39
CA LEU B 149 5.42 -6.44 -6.10
C LEU B 149 6.83 -5.90 -5.96
N PRO B 150 7.30 -5.18 -6.99
CA PRO B 150 8.65 -4.61 -7.00
C PRO B 150 8.96 -3.45 -6.07
N VAL B 151 10.18 -3.46 -5.55
CA VAL B 151 10.72 -2.42 -4.68
C VAL B 151 12.02 -2.01 -5.35
N TYR B 152 12.18 -0.72 -5.61
CA TYR B 152 13.35 -0.20 -6.28
C TYR B 152 14.56 -0.09 -5.39
N ASN B 153 15.71 0.07 -6.02
CA ASN B 153 16.98 0.21 -5.32
C ASN B 153 18.06 0.52 -6.33
N GLY B 154 18.32 1.81 -6.51
CA GLY B 154 19.33 2.25 -7.45
C GLY B 154 19.35 1.51 -8.78
N THR B 155 20.23 1.97 -9.66
CA THR B 155 20.41 1.37 -10.98
C THR B 155 21.84 1.73 -11.34
N PRO B 156 22.77 0.78 -11.17
CA PRO B 156 24.20 0.97 -11.48
C PRO B 156 24.44 1.39 -12.93
N GLY B 157 25.32 2.37 -13.11
CA GLY B 157 25.61 2.85 -14.45
C GLY B 157 24.94 4.19 -14.74
N LYS B 158 23.60 4.19 -14.66
CA LYS B 158 22.81 5.39 -14.91
C LYS B 158 23.18 6.49 -13.92
N PRO B 159 23.01 7.76 -14.31
CA PRO B 159 23.33 8.89 -13.43
C PRO B 159 22.44 9.04 -12.20
N LYS B 160 22.98 9.68 -11.18
CA LYS B 160 22.26 9.94 -9.93
C LYS B 160 21.30 11.11 -10.14
N ALA B 161 20.01 10.84 -10.07
CA ALA B 161 19.02 11.90 -10.30
C ALA B 161 18.02 12.08 -9.16
N VAL B 162 17.27 13.17 -9.24
CA VAL B 162 16.24 13.49 -8.26
C VAL B 162 14.95 13.83 -9.01
N ILE B 163 13.90 13.04 -8.79
CA ILE B 163 12.63 13.29 -9.45
C ILE B 163 11.89 14.42 -8.74
N PHE B 164 11.28 15.32 -9.50
CA PHE B 164 10.52 16.44 -8.96
C PHE B 164 9.09 16.44 -9.49
N ASP B 165 8.18 16.93 -8.68
CA ASP B 165 6.77 17.03 -9.07
C ASP B 165 6.47 18.51 -9.29
N VAL B 166 5.48 18.82 -10.13
CA VAL B 166 5.14 20.21 -10.39
C VAL B 166 4.03 20.78 -9.51
N ASP B 167 2.81 20.35 -9.78
CA ASP B 167 1.65 20.83 -9.03
C ASP B 167 1.85 20.70 -7.52
N GLY B 168 1.97 21.84 -6.84
CA GLY B 168 2.14 21.84 -5.40
C GLY B 168 3.58 21.80 -4.92
N THR B 169 4.44 21.12 -5.68
CA THR B 169 5.85 21.01 -5.32
C THR B 169 6.67 22.16 -5.94
N LEU B 170 6.87 22.11 -7.25
CA LEU B 170 7.61 23.16 -7.96
C LEU B 170 6.75 24.43 -8.06
N ALA B 171 5.44 24.25 -8.28
CA ALA B 171 4.51 25.37 -8.39
C ALA B 171 3.52 25.40 -7.22
N LYS B 172 3.07 26.60 -6.86
CA LYS B 172 2.14 26.78 -5.74
C LYS B 172 0.67 26.49 -6.02
N MSE B 173 0.40 25.48 -6.86
CA MSE B 173 -0.96 25.09 -7.22
C MSE B 173 -2.04 25.99 -6.61
O MSE B 173 -3.16 26.09 -7.14
CB MSE B 173 -1.24 23.64 -6.82
CG MSE B 173 -1.31 23.39 -5.31
SE MSE B 173 -2.32 21.78 -4.84
CE MSE B 173 -1.09 20.43 -5.51
N VAL B 188 2.03 30.33 -9.32
CA VAL B 188 3.36 30.89 -9.51
C VAL B 188 4.42 30.07 -8.72
N ILE B 189 5.68 30.26 -9.08
CA ILE B 189 6.79 29.55 -8.46
C ILE B 189 6.79 29.46 -6.93
N ASN B 190 7.18 28.28 -6.44
CA ASN B 190 7.29 27.97 -5.02
C ASN B 190 8.79 28.02 -4.70
N PRO B 191 9.31 29.23 -4.44
CA PRO B 191 10.68 29.64 -4.13
C PRO B 191 11.69 28.62 -3.67
N MSE B 192 11.61 28.25 -2.39
CA MSE B 192 12.55 27.30 -1.82
C MSE B 192 12.71 26.00 -2.61
O MSE B 192 13.83 25.54 -2.85
CB MSE B 192 12.16 26.98 -0.37
CG MSE B 192 12.29 28.18 0.58
SE MSE B 192 14.10 28.89 0.73
CE MSE B 192 15.09 27.47 -0.19
N VAL B 193 11.59 25.42 -3.01
CA VAL B 193 11.65 24.18 -3.75
C VAL B 193 12.33 24.33 -5.10
N VAL B 194 12.08 25.44 -5.80
CA VAL B 194 12.67 25.66 -7.11
C VAL B 194 14.18 25.88 -6.96
N GLU B 195 14.56 26.46 -5.82
CA GLU B 195 15.97 26.70 -5.55
C GLU B 195 16.60 25.30 -5.49
N LEU B 196 15.99 24.45 -4.66
CA LEU B 196 16.47 23.09 -4.49
C LEU B 196 16.76 22.38 -5.81
N SER B 197 15.85 22.49 -6.79
CA SER B 197 16.02 21.84 -8.08
C SER B 197 17.31 22.25 -8.79
N LYS B 198 17.77 23.45 -8.49
CA LYS B 198 18.99 23.95 -9.09
C LYS B 198 20.18 23.61 -8.19
N MSE B 199 19.98 23.72 -6.87
CA MSE B 199 21.05 23.36 -5.94
C MSE B 199 21.46 21.95 -6.37
O MSE B 199 22.64 21.68 -6.57
CB MSE B 199 20.51 23.35 -4.49
CG MSE B 199 20.40 24.75 -3.88
SE MSE B 199 19.54 24.85 -2.12
CE MSE B 199 20.92 24.08 -1.01
N TYR B 200 20.49 21.06 -6.54
CA TYR B 200 20.77 19.70 -6.98
C TYR B 200 21.33 19.72 -8.40
N ALA B 201 21.08 20.82 -9.11
CA ALA B 201 21.57 20.98 -10.48
C ALA B 201 23.07 21.20 -10.43
N LEU B 202 23.52 22.01 -9.49
CA LEU B 202 24.95 22.26 -9.35
C LEU B 202 25.53 20.93 -8.89
N MSE B 203 25.13 20.50 -7.70
CA MSE B 203 25.59 19.26 -7.09
C MSE B 203 26.01 18.12 -8.00
O MSE B 203 26.81 17.27 -7.60
CB MSE B 203 24.54 18.75 -6.10
CG MSE B 203 24.44 19.62 -4.86
SE MSE B 203 26.15 19.79 -3.98
CE MSE B 203 26.82 21.34 -4.91
N GLY B 204 25.48 18.06 -9.22
CA GLY B 204 25.86 17.01 -10.14
C GLY B 204 24.79 15.96 -10.30
N TYR B 205 23.55 16.41 -10.16
CA TYR B 205 22.39 15.53 -10.28
C TYR B 205 21.56 15.83 -11.52
N GLN B 206 20.88 14.80 -12.02
CA GLN B 206 20.00 14.90 -13.17
C GLN B 206 18.64 15.21 -12.59
N ILE B 207 17.92 16.18 -13.15
CA ILE B 207 16.61 16.48 -12.62
C ILE B 207 15.56 15.90 -13.56
N VAL B 208 14.66 15.08 -13.04
CA VAL B 208 13.64 14.47 -13.87
C VAL B 208 12.24 14.94 -13.47
N VAL B 209 11.80 16.12 -13.88
CA VAL B 209 10.46 16.56 -13.48
C VAL B 209 9.37 15.60 -13.93
N VAL B 210 8.33 15.48 -13.12
CA VAL B 210 7.21 14.57 -13.37
C VAL B 210 5.90 15.19 -12.89
N SER B 211 4.78 14.79 -13.49
CA SER B 211 3.48 15.34 -13.12
C SER B 211 2.27 14.45 -13.41
N GLY B 212 1.27 14.54 -12.55
CA GLY B 212 0.05 13.77 -12.69
C GLY B 212 -1.06 14.59 -13.34
N ARG B 213 -0.70 15.77 -13.84
CA ARG B 213 -1.67 16.63 -14.53
C ARG B 213 -1.92 15.95 -15.87
N GLU B 214 -3.19 15.65 -16.20
CA GLU B 214 -3.46 15.00 -17.47
C GLU B 214 -2.78 15.85 -18.54
N SER B 215 -2.16 15.19 -19.53
CA SER B 215 -1.47 15.92 -20.60
C SER B 215 -2.34 16.95 -21.30
N GLY B 216 -3.59 16.60 -21.58
CA GLY B 216 -4.48 17.53 -22.24
C GLY B 216 -5.90 17.02 -22.36
N THR B 217 -6.59 17.49 -23.40
CA THR B 217 -7.97 17.12 -23.67
C THR B 217 -8.06 16.21 -24.89
N LYS B 218 -9.14 15.47 -25.02
CA LYS B 218 -9.31 14.54 -26.13
C LYS B 218 -9.02 15.25 -27.46
N GLU B 219 -9.50 16.49 -27.57
CA GLU B 219 -9.32 17.28 -28.77
C GLU B 219 -7.90 17.80 -28.94
N ASP B 220 -7.16 17.92 -27.83
CA ASP B 220 -5.77 18.39 -27.86
C ASP B 220 -4.99 17.75 -26.71
N PRO B 221 -4.56 16.49 -26.91
CA PRO B 221 -3.80 15.63 -25.99
C PRO B 221 -2.43 16.05 -25.41
N THR B 222 -2.11 17.34 -25.44
CA THR B 222 -0.85 17.84 -24.88
C THR B 222 -1.01 19.29 -24.46
N LYS B 223 -2.24 19.77 -24.52
CA LYS B 223 -2.53 21.16 -24.16
C LYS B 223 -1.81 21.58 -22.89
N TYR B 224 -2.00 20.78 -21.84
CA TYR B 224 -1.42 21.02 -20.52
C TYR B 224 0.04 20.61 -20.35
N TYR B 225 0.44 19.54 -21.04
CA TYR B 225 1.81 19.09 -21.01
C TYR B 225 2.73 20.22 -21.50
N ARG B 226 2.33 20.87 -22.59
CA ARG B 226 3.09 21.98 -23.14
C ARG B 226 3.09 23.15 -22.18
N MSE B 227 1.91 23.45 -21.63
CA MSE B 227 1.81 24.56 -20.69
C MSE B 227 2.78 24.32 -19.57
O MSE B 227 3.57 25.21 -19.21
CB MSE B 227 0.39 24.66 -20.12
CG MSE B 227 -0.67 24.99 -21.15
SE MSE B 227 -2.31 25.60 -20.34
CE MSE B 227 -2.22 27.47 -20.83
N THR B 228 2.75 23.11 -19.01
CA THR B 228 3.62 22.73 -17.91
C THR B 228 5.08 22.92 -18.30
N ARG B 229 5.52 22.16 -19.31
CA ARG B 229 6.90 22.23 -19.77
C ARG B 229 7.38 23.67 -19.96
N LYS B 230 6.51 24.53 -20.48
CA LYS B 230 6.87 25.93 -20.70
C LYS B 230 7.12 26.64 -19.38
N TRP B 231 6.18 26.52 -18.46
CA TRP B 231 6.30 27.17 -17.16
C TRP B 231 7.53 26.66 -16.42
N VAL B 232 7.75 25.35 -16.48
CA VAL B 232 8.88 24.69 -15.82
C VAL B 232 10.24 25.19 -16.30
N GLU B 233 10.34 25.42 -17.61
CA GLU B 233 11.57 25.89 -18.23
C GLU B 233 11.69 27.41 -18.25
N ASP B 234 10.67 28.07 -18.78
CA ASP B 234 10.69 29.52 -18.92
C ASP B 234 10.47 30.37 -17.67
N ILE B 235 9.52 29.99 -16.81
CA ILE B 235 9.30 30.79 -15.61
C ILE B 235 10.13 30.29 -14.43
N ALA B 236 9.99 29.01 -14.09
CA ALA B 236 10.74 28.45 -12.97
C ALA B 236 12.23 28.34 -13.30
N GLY B 237 12.53 27.93 -14.54
CA GLY B 237 13.90 27.79 -14.95
C GLY B 237 14.57 26.55 -14.38
N VAL B 238 13.81 25.48 -14.27
CA VAL B 238 14.35 24.23 -13.75
C VAL B 238 15.15 23.53 -14.82
N PRO B 239 16.43 23.30 -14.56
CA PRO B 239 17.32 22.61 -15.51
C PRO B 239 16.96 21.15 -15.61
N LEU B 240 15.73 20.85 -16.03
CA LEU B 240 15.33 19.46 -16.14
C LEU B 240 16.06 18.79 -17.27
N VAL B 241 16.14 17.46 -17.19
CA VAL B 241 16.82 16.64 -18.18
C VAL B 241 15.77 15.82 -18.89
N MSE B 242 14.67 15.56 -18.19
CA MSE B 242 13.56 14.78 -18.74
C MSE B 242 12.26 15.11 -18.01
O MSE B 242 12.25 15.43 -16.83
CB MSE B 242 13.85 13.29 -18.61
CG MSE B 242 12.65 12.44 -19.00
SE MSE B 242 12.90 10.59 -18.57
CE MSE B 242 11.52 9.84 -19.70
N GLN B 243 11.15 15.01 -18.75
CA GLN B 243 9.83 15.29 -18.19
C GLN B 243 8.81 14.22 -18.58
N CYS B 244 7.94 13.88 -17.63
CA CYS B 244 6.92 12.87 -17.88
C CYS B 244 5.61 13.34 -17.26
N GLN B 245 4.51 13.01 -17.93
CA GLN B 245 3.19 13.40 -17.46
C GLN B 245 2.15 12.33 -17.71
N ARG B 246 1.00 12.51 -17.06
CA ARG B 246 -0.12 11.60 -17.18
C ARG B 246 -0.69 11.67 -18.60
N GLU B 247 -0.74 10.52 -19.25
CA GLU B 247 -1.24 10.45 -20.62
C GLU B 247 -2.67 10.97 -20.69
N GLN B 248 -3.02 11.57 -21.80
CA GLN B 248 -4.36 12.10 -21.99
C GLN B 248 -5.36 10.93 -21.97
N GLY B 249 -6.50 11.14 -21.30
CA GLY B 249 -7.53 10.11 -21.23
C GLY B 249 -7.23 8.99 -20.25
N ASP B 250 -6.38 9.28 -19.27
CA ASP B 250 -6.02 8.31 -18.24
C ASP B 250 -6.72 8.73 -16.96
N THR B 251 -7.55 7.86 -16.41
CA THR B 251 -8.27 8.23 -15.20
C THR B 251 -7.87 7.44 -13.96
N ARG B 252 -6.77 6.71 -14.03
CA ARG B 252 -6.32 5.96 -12.88
C ARG B 252 -5.76 6.94 -11.85
N LYS B 253 -5.50 6.43 -10.65
CA LYS B 253 -4.98 7.24 -9.57
C LYS B 253 -3.58 7.80 -9.80
N ASP B 254 -3.34 8.98 -9.26
CA ASP B 254 -2.05 9.67 -9.33
C ASP B 254 -1.05 8.64 -8.81
N ASP B 255 -1.44 8.01 -7.71
CA ASP B 255 -0.69 6.96 -7.01
C ASP B 255 -0.22 5.91 -8.05
N VAL B 256 -1.18 5.26 -8.70
CA VAL B 256 -0.96 4.25 -9.73
C VAL B 256 -0.18 4.82 -10.91
N VAL B 257 -0.64 5.96 -11.40
CA VAL B 257 -0.05 6.65 -12.55
C VAL B 257 1.47 6.86 -12.50
N LYS B 258 1.95 7.63 -11.54
CA LYS B 258 3.37 7.88 -11.46
C LYS B 258 4.19 6.62 -11.24
N GLU B 259 3.67 5.67 -10.47
CA GLU B 259 4.43 4.45 -10.20
C GLU B 259 4.67 3.62 -11.46
N GLU B 260 3.97 3.95 -12.54
CA GLU B 260 4.11 3.23 -13.79
C GLU B 260 5.15 3.99 -14.59
N ILE B 261 5.03 5.32 -14.56
CA ILE B 261 5.95 6.19 -15.27
C ILE B 261 7.38 5.96 -14.78
N PHE B 262 7.50 5.58 -13.51
CA PHE B 262 8.80 5.32 -12.91
C PHE B 262 9.46 4.09 -13.53
N TRP B 263 8.83 2.94 -13.31
CA TRP B 263 9.33 1.67 -13.81
C TRP B 263 9.50 1.63 -15.33
N LYS B 264 8.78 2.49 -16.05
CA LYS B 264 8.85 2.48 -17.50
C LYS B 264 9.76 3.50 -18.17
N HIS B 265 10.09 4.59 -17.49
CA HIS B 265 10.94 5.60 -18.09
C HIS B 265 12.18 6.01 -17.29
N ILE B 266 11.97 6.27 -16.00
CA ILE B 266 13.06 6.72 -15.14
C ILE B 266 13.94 5.63 -14.58
N ALA B 267 13.38 4.73 -13.76
CA ALA B 267 14.16 3.64 -13.16
C ALA B 267 15.21 3.02 -14.10
N PRO B 268 14.85 2.78 -15.38
CA PRO B 268 15.78 2.19 -16.33
C PRO B 268 16.93 3.10 -16.77
N HIS B 269 16.65 4.39 -16.92
CA HIS B 269 17.68 5.34 -17.34
C HIS B 269 18.20 6.18 -16.19
N PHE B 270 17.91 5.78 -14.96
CA PHE B 270 18.35 6.58 -13.82
C PHE B 270 18.53 5.88 -12.49
N ASP B 271 19.47 6.40 -11.70
CA ASP B 271 19.76 5.92 -10.37
C ASP B 271 19.16 7.02 -9.48
N VAL B 272 17.90 6.81 -9.06
CA VAL B 272 17.18 7.79 -8.25
C VAL B 272 17.60 7.87 -6.79
N LYS B 273 17.81 9.09 -6.31
CA LYS B 273 18.23 9.33 -4.94
C LYS B 273 17.17 10.06 -4.12
N LEU B 274 16.36 10.89 -4.79
CA LEU B 274 15.33 11.63 -4.07
C LEU B 274 14.05 11.86 -4.85
N ALA B 275 13.02 12.21 -4.10
CA ALA B 275 11.72 12.51 -4.66
C ALA B 275 11.18 13.70 -3.87
N ILE B 276 10.92 14.78 -4.58
CA ILE B 276 10.36 15.97 -3.98
C ILE B 276 8.93 15.97 -4.50
N ASP B 277 7.95 15.97 -3.59
CA ASP B 277 6.55 15.93 -3.98
C ASP B 277 5.68 16.60 -2.90
N ASP B 278 4.36 16.47 -3.01
CA ASP B 278 3.50 17.06 -2.00
C ASP B 278 2.21 16.30 -1.72
N ARG B 279 1.78 15.46 -2.63
CA ARG B 279 0.54 14.73 -2.38
C ARG B 279 0.79 13.41 -1.65
N THR B 280 0.28 13.32 -0.41
CA THR B 280 0.45 12.13 0.42
C THR B 280 0.41 10.81 -0.31
N GLN B 281 -0.70 10.49 -0.97
CA GLN B 281 -0.79 9.22 -1.69
C GLN B 281 0.42 8.99 -2.59
N VAL B 282 1.02 10.06 -3.08
CA VAL B 282 2.18 9.93 -3.93
C VAL B 282 3.47 9.82 -3.12
N VAL B 283 3.57 10.60 -2.05
CA VAL B 283 4.74 10.53 -1.20
C VAL B 283 4.71 9.11 -0.60
N GLU B 284 3.50 8.65 -0.30
CA GLU B 284 3.33 7.33 0.28
C GLU B 284 3.84 6.28 -0.69
N MSE B 285 3.49 6.43 -1.97
CA MSE B 285 3.90 5.50 -3.01
C MSE B 285 5.42 5.50 -3.21
O MSE B 285 6.04 4.43 -3.26
CB MSE B 285 3.18 5.85 -4.32
CG MSE B 285 3.60 5.03 -5.56
SE MSE B 285 5.27 5.59 -6.42
CE MSE B 285 4.66 7.23 -7.26
N TRP B 286 6.01 6.69 -3.31
CA TRP B 286 7.45 6.81 -3.52
C TRP B 286 8.22 6.01 -2.47
N ARG B 287 8.08 6.40 -1.21
CA ARG B 287 8.75 5.74 -0.09
C ARG B 287 8.50 4.25 -0.11
N ARG B 288 7.22 3.89 -0.23
CA ARG B 288 6.80 2.52 -0.27
C ARG B 288 7.60 1.63 -1.23
N ILE B 289 7.92 2.13 -2.44
CA ILE B 289 8.67 1.34 -3.42
C ILE B 289 10.19 1.38 -3.29
N GLY B 290 10.72 2.27 -2.47
CA GLY B 290 12.15 2.30 -2.32
C GLY B 290 12.83 3.61 -2.61
N VAL B 291 12.05 4.62 -2.95
CA VAL B 291 12.61 5.94 -3.23
C VAL B 291 12.39 6.86 -2.04
N GLU B 292 13.44 7.53 -1.59
CA GLU B 292 13.30 8.46 -0.48
C GLU B 292 12.47 9.61 -1.06
N CYS B 293 11.61 10.21 -0.22
CA CYS B 293 10.74 11.30 -0.68
C CYS B 293 10.56 12.34 0.41
N TRP B 294 10.84 13.59 0.08
CA TRP B 294 10.65 14.65 1.05
C TRP B 294 9.37 15.34 0.64
N GLN B 295 8.45 15.48 1.58
CA GLN B 295 7.18 16.14 1.32
C GLN B 295 7.31 17.61 1.73
N VAL B 296 7.19 18.50 0.75
CA VAL B 296 7.34 19.94 0.95
C VAL B 296 6.14 20.74 1.46
N ALA B 297 4.97 20.12 1.50
CA ALA B 297 3.80 20.82 2.00
C ALA B 297 2.73 19.82 2.37
N SER B 298 1.70 20.30 3.05
CA SER B 298 0.60 19.42 3.41
C SER B 298 -0.02 19.06 2.06
N GLY B 299 -0.40 17.81 1.89
CA GLY B 299 -1.00 17.40 0.63
C GLY B 299 -2.10 16.36 0.84
N ASP B 300 -3.06 16.69 1.70
CA ASP B 300 -4.12 15.75 1.96
C ASP B 300 -5.33 16.00 1.08
N PHE B 301 -5.21 15.50 -0.15
CA PHE B 301 -6.27 15.64 -1.15
C PHE B 301 -6.01 14.67 -2.31
CA CA C . 1.63 17.42 -6.53
S DMS D . -5.37 -20.60 -3.83
O DMS D . -5.49 -21.11 -2.46
C1 DMS D . -6.97 -20.13 -4.37
C2 DMS D . -4.48 -19.05 -3.83
S DMS E . -1.15 -26.96 2.17
O DMS E . -1.87 -26.85 3.45
C1 DMS E . -2.08 -28.00 1.13
C2 DMS E . -1.18 -25.41 1.31
PB ADP F . -11.90 -6.55 7.36
O1B ADP F . -11.74 -7.71 8.25
O2B ADP F . -11.55 -5.20 8.16
O3B ADP F . -11.02 -6.67 6.15
PA ADP F . -14.25 -5.13 6.44
O1A ADP F . -13.36 -4.11 5.90
O2A ADP F . -15.21 -5.52 5.40
O3A ADP F . -13.41 -6.38 6.93
O5' ADP F . -15.10 -4.55 7.70
C5' ADP F . -15.14 -5.02 9.06
C4' ADP F . -16.10 -4.04 9.86
O4' ADP F . -15.57 -2.71 9.74
C3' ADP F . -17.57 -3.94 9.36
O3' ADP F . -18.52 -4.06 10.44
C2' ADP F . -17.70 -2.60 8.64
O2' ADP F . -19.01 -2.01 8.75
C1' ADP F . -16.55 -1.77 9.23
#